data_3JRV
#
_entry.id   3JRV
#
_cell.length_a   90.889
_cell.length_b   69.529
_cell.length_c   65.626
_cell.angle_alpha   90.000
_cell.angle_beta   122.170
_cell.angle_gamma   90.000
#
_symmetry.space_group_name_H-M   'C 1 2 1'
#
loop_
_entity.id
_entity.type
_entity.pdbx_description
1 polymer 'Protein K7'
2 polymer 'ATP-dependent RNA helicase DDX3X'
3 water water
#
loop_
_entity_poly.entity_id
_entity_poly.type
_entity_poly.pdbx_seq_one_letter_code
_entity_poly.pdbx_strand_id
1 'polypeptide(L)'
;(MSE)ATKLDYEDAVFYFVDDDKICSRDSIIDLIDEYITWRNHVIVFNKDITSCGRLYKEL(MSE)KFDDVAIRYYGIDK
INEIVEA(MSE)SEGDHYINFTKVHDQESLFATIGICAKITEHWGYKKISESRFQSLGNITDL(MSE)TDDNINILILFL
EKKLN
;
A,B
2 'polypeptide(L)' SFGSRSDSRGKSSFFSDRGS C,D,E
#
# COMPACT_ATOMS: atom_id res chain seq x y z
N ASP A 6 6.35 -0.32 26.51
CA ASP A 6 6.25 -1.44 25.54
C ASP A 6 5.54 -0.99 24.27
N TYR A 7 6.25 -1.07 23.16
CA TYR A 7 5.69 -0.55 21.91
C TYR A 7 4.45 -1.33 21.50
N GLU A 8 4.45 -2.65 21.80
CA GLU A 8 3.29 -3.46 21.41
C GLU A 8 2.01 -2.89 22.02
N ASP A 9 2.15 -2.23 23.16
CA ASP A 9 0.95 -1.79 23.90
C ASP A 9 0.67 -0.28 23.73
N ALA A 10 1.29 0.33 22.73
CA ALA A 10 1.10 1.75 22.43
C ALA A 10 -0.41 2.01 22.26
N VAL A 11 -0.86 3.16 22.74
CA VAL A 11 -2.28 3.51 22.67
C VAL A 11 -2.49 4.53 21.55
N PHE A 12 -3.51 4.30 20.71
CA PHE A 12 -3.80 5.21 19.63
C PHE A 12 -5.17 5.82 19.86
N TYR A 13 -5.17 7.06 20.36
CA TYR A 13 -6.38 7.70 20.83
C TYR A 13 -7.30 8.12 19.70
N PHE A 14 -6.77 8.30 18.48
CA PHE A 14 -7.61 8.78 17.39
C PHE A 14 -8.02 7.71 16.38
N VAL A 15 -7.54 6.48 16.58
CA VAL A 15 -7.65 5.43 15.56
C VAL A 15 -9.06 5.13 15.08
N ASP A 16 -10.08 5.27 15.96
CA ASP A 16 -11.45 5.03 15.58
C ASP A 16 -12.31 6.28 15.36
N ASP A 17 -11.66 7.45 15.39
CA ASP A 17 -12.42 8.72 15.31
C ASP A 17 -12.84 8.98 13.85
N ASP A 18 -14.02 9.56 13.66
CA ASP A 18 -14.52 9.96 12.37
C ASP A 18 -14.46 11.46 12.20
N LYS A 19 -14.01 12.17 13.23
CA LYS A 19 -14.06 13.66 13.24
C LYS A 19 -12.81 14.16 13.94
N ILE A 20 -12.38 15.41 13.64
CA ILE A 20 -11.53 16.16 14.55
C ILE A 20 -11.93 17.63 14.49
N CYS A 21 -12.13 18.22 15.65
CA CYS A 21 -12.55 19.62 15.65
C CYS A 21 -11.89 20.44 16.74
N SER A 22 -10.64 20.12 17.02
CA SER A 22 -9.81 20.89 17.97
C SER A 22 -8.46 21.06 17.34
N ARG A 23 -8.06 22.31 17.09
CA ARG A 23 -6.74 22.50 16.50
C ARG A 23 -5.63 22.09 17.46
N ASP A 24 -5.90 22.08 18.76
CA ASP A 24 -4.86 21.75 19.73
C ASP A 24 -4.60 20.25 19.76
N SER A 25 -5.35 19.48 18.98
CA SER A 25 -5.14 18.02 18.89
C SER A 25 -4.42 17.61 17.62
N ILE A 26 -4.16 18.57 16.73
CA ILE A 26 -3.65 18.25 15.41
C ILE A 26 -2.24 17.64 15.45
N ILE A 27 -1.36 18.25 16.23
CA ILE A 27 0.02 17.69 16.35
C ILE A 27 -0.02 16.27 16.93
N ASP A 28 -0.81 16.08 17.98
CA ASP A 28 -0.92 14.75 18.59
C ASP A 28 -1.44 13.75 17.56
N LEU A 29 -2.42 14.15 16.77
CA LEU A 29 -3.01 13.26 15.78
C LEU A 29 -1.94 12.85 14.75
N ILE A 30 -1.19 13.80 14.20
CA ILE A 30 -0.25 13.43 13.15
C ILE A 30 0.87 12.58 13.73
N ASP A 31 1.34 12.92 14.94
CA ASP A 31 2.39 12.13 15.58
C ASP A 31 1.90 10.69 15.72
N GLU A 32 0.70 10.51 16.30
CA GLU A 32 0.18 9.16 16.53
C GLU A 32 0.01 8.39 15.22
N TYR A 33 -0.59 9.05 14.23
CA TYR A 33 -0.92 8.42 12.97
C TYR A 33 0.39 7.92 12.31
N ILE A 34 1.45 8.76 12.30
CA ILE A 34 2.70 8.33 11.68
C ILE A 34 3.25 7.09 12.43
N THR A 35 3.13 7.09 13.75
CA THR A 35 3.51 5.86 14.50
C THR A 35 2.62 4.65 14.13
N TRP A 36 1.32 4.88 14.01
CA TRP A 36 0.40 3.81 13.70
C TRP A 36 0.75 3.13 12.35
N ARG A 37 1.16 3.90 11.32
CA ARG A 37 1.46 3.27 10.02
C ARG A 37 2.65 2.29 10.15
N ASN A 38 3.52 2.49 11.14
CA ASN A 38 4.59 1.49 11.47
C ASN A 38 4.03 0.35 12.31
N HIS A 39 3.37 0.73 13.39
CA HIS A 39 2.88 -0.23 14.39
C HIS A 39 1.94 -1.26 13.80
N VAL A 40 1.04 -0.84 12.90
CA VAL A 40 0.03 -1.72 12.33
C VAL A 40 0.70 -2.83 11.51
N ILE A 41 1.89 -2.53 10.94
CA ILE A 41 2.64 -3.57 10.19
C ILE A 41 3.48 -4.44 11.17
N VAL A 42 4.20 -3.80 12.08
CA VAL A 42 5.08 -4.47 13.07
C VAL A 42 4.33 -5.53 13.88
N PHE A 43 3.10 -5.20 14.29
CA PHE A 43 2.30 -6.11 15.12
C PHE A 43 1.12 -6.79 14.38
N ASN A 44 1.13 -6.68 13.04
CA ASN A 44 0.04 -7.21 12.22
C ASN A 44 -1.33 -6.91 12.80
N LYS A 45 -1.60 -5.62 13.00
CA LYS A 45 -2.91 -5.20 13.41
C LYS A 45 -3.68 -4.94 12.11
N ASP A 46 -4.99 -4.90 12.18
CA ASP A 46 -5.80 -4.80 10.97
C ASP A 46 -5.77 -3.34 10.50
N ILE A 47 -5.20 -3.10 9.32
CA ILE A 47 -5.08 -1.74 8.78
C ILE A 47 -6.45 -1.15 8.42
N THR A 48 -7.46 -2.00 8.30
CA THR A 48 -8.82 -1.52 7.98
C THR A 48 -9.62 -1.12 9.23
N SER A 49 -9.11 -1.42 10.41
N SER A 49 -9.11 -1.51 10.40
CA SER A 49 -9.84 -1.16 11.64
CA SER A 49 -9.72 -1.17 11.67
C SER A 49 -9.48 0.22 12.14
C SER A 49 -9.33 0.25 12.04
N CYS A 50 -9.96 1.22 11.41
CA CYS A 50 -9.72 2.60 11.77
C CYS A 50 -10.87 3.45 11.23
N GLY A 51 -10.96 4.68 11.73
CA GLY A 51 -12.12 5.49 11.38
C GLY A 51 -11.88 6.39 10.18
N ARG A 52 -12.85 7.25 9.91
CA ARG A 52 -12.78 8.14 8.74
C ARG A 52 -11.63 9.13 8.82
N LEU A 53 -11.23 9.53 10.04
CA LEU A 53 -10.14 10.49 10.20
C LEU A 53 -8.81 9.90 9.72
N TYR A 54 -8.45 8.73 10.24
CA TYR A 54 -7.26 8.02 9.74
C TYR A 54 -7.36 7.73 8.25
N LYS A 55 -8.52 7.30 7.77
N LYS A 55 -8.55 7.38 7.77
CA LYS A 55 -8.68 7.03 6.32
CA LYS A 55 -8.74 7.04 6.35
C LYS A 55 -8.37 8.30 5.51
C LYS A 55 -8.66 8.27 5.43
N GLU A 56 -8.84 9.47 6.00
CA GLU A 56 -8.50 10.71 5.28
C GLU A 56 -7.01 10.96 5.24
N LEU A 57 -6.33 10.74 6.37
CA LEU A 57 -4.86 10.90 6.41
C LEU A 57 -4.19 9.92 5.47
N MSE A 58 -4.74 8.69 5.36
CA MSE A 58 -4.10 7.70 4.48
C MSE A 58 -4.14 8.12 3.02
O MSE A 58 -3.29 7.69 2.23
CB MSE A 58 -4.81 6.34 4.67
CG MSE A 58 -4.47 5.85 6.05
SE MSE A 58 -5.51 4.30 6.58
CE MSE A 58 -4.37 3.17 5.63
N LYS A 59 -5.16 8.90 2.64
CA LYS A 59 -5.21 9.44 1.26
C LYS A 59 -4.02 10.36 0.92
N PHE A 60 -3.30 10.82 1.92
CA PHE A 60 -2.12 11.68 1.67
C PHE A 60 -0.98 10.82 1.06
N ASP A 61 -1.10 9.50 1.13
CA ASP A 61 -0.16 8.64 0.39
C ASP A 61 -0.22 9.01 -1.12
N ASP A 62 -1.42 9.11 -1.66
CA ASP A 62 -1.66 9.47 -3.07
C ASP A 62 -1.18 10.88 -3.35
N VAL A 63 -1.35 11.79 -2.38
CA VAL A 63 -0.88 13.15 -2.59
C VAL A 63 0.63 13.17 -2.74
N ALA A 64 1.31 12.37 -1.92
CA ALA A 64 2.77 12.28 -2.00
C ALA A 64 3.20 11.71 -3.35
N ILE A 65 2.49 10.68 -3.80
CA ILE A 65 2.80 10.12 -5.13
C ILE A 65 2.58 11.11 -6.27
N ARG A 66 1.46 11.83 -6.23
CA ARG A 66 1.21 12.89 -7.22
C ARG A 66 2.34 13.93 -7.20
N TYR A 67 2.82 14.28 -6.00
CA TYR A 67 3.69 15.46 -5.79
C TYR A 67 5.12 15.11 -6.22
N TYR A 68 5.58 13.91 -5.82
CA TYR A 68 6.98 13.49 -5.96
C TYR A 68 7.20 12.51 -7.10
N GLY A 69 6.18 11.67 -7.38
CA GLY A 69 6.32 10.49 -8.24
C GLY A 69 6.95 9.32 -7.51
N ILE A 70 6.68 8.08 -7.96
CA ILE A 70 7.00 6.92 -7.13
C ILE A 70 8.50 6.67 -7.06
N ASP A 71 9.23 7.01 -8.12
CA ASP A 71 10.69 6.88 -8.08
C ASP A 71 11.33 7.77 -7.02
N LYS A 72 10.90 9.04 -6.94
CA LYS A 72 11.46 9.98 -5.99
C LYS A 72 11.04 9.55 -4.59
N ILE A 73 9.79 9.09 -4.46
CA ILE A 73 9.40 8.53 -3.17
C ILE A 73 10.33 7.43 -2.69
N ASN A 74 10.58 6.46 -3.56
CA ASN A 74 11.45 5.33 -3.24
C ASN A 74 12.83 5.85 -2.88
N GLU A 75 13.29 6.85 -3.63
CA GLU A 75 14.57 7.52 -3.35
C GLU A 75 14.59 8.17 -1.95
N ILE A 76 13.57 8.98 -1.66
CA ILE A 76 13.50 9.68 -0.36
C ILE A 76 13.48 8.67 0.81
N VAL A 77 12.76 7.57 0.62
CA VAL A 77 12.64 6.56 1.69
C VAL A 77 13.98 5.87 1.94
N GLU A 78 14.66 5.50 0.86
CA GLU A 78 16.04 5.03 0.94
C GLU A 78 16.94 6.02 1.68
N ALA A 79 16.82 7.31 1.38
CA ALA A 79 17.69 8.32 2.00
C ALA A 79 17.46 8.47 3.50
N MSE A 80 16.18 8.54 3.89
CA MSE A 80 15.83 8.66 5.28
C MSE A 80 16.19 7.39 6.10
O MSE A 80 16.43 7.47 7.31
CB MSE A 80 14.35 9.02 5.40
CG MSE A 80 13.87 9.20 6.81
SE MSE A 80 14.67 10.74 7.70
CE MSE A 80 15.14 9.79 9.32
N SER A 81 16.34 6.26 5.41
CA SER A 81 16.42 4.94 6.06
C SER A 81 17.82 4.33 5.94
N ASP A 84 19.89 11.02 5.81
CA ASP A 84 19.67 12.24 5.05
C ASP A 84 18.20 12.63 5.15
N HIS A 85 17.93 13.85 5.60
CA HIS A 85 16.56 14.40 5.59
C HIS A 85 16.30 15.14 4.28
N TYR A 86 15.87 14.39 3.27
CA TYR A 86 15.53 14.95 1.96
C TYR A 86 14.60 16.16 2.08
N ILE A 87 13.58 16.03 2.92
CA ILE A 87 12.60 17.11 3.12
C ILE A 87 12.94 17.91 4.37
N ASN A 88 13.10 19.21 4.19
CA ASN A 88 13.38 20.09 5.31
C ASN A 88 12.00 20.56 5.82
N PHE A 89 11.59 20.11 7.00
CA PHE A 89 10.25 20.46 7.46
C PHE A 89 10.02 21.97 7.57
N THR A 90 11.10 22.75 7.74
CA THR A 90 10.94 24.20 7.92
C THR A 90 10.64 24.91 6.61
N LYS A 91 10.70 24.19 5.49
CA LYS A 91 10.45 24.79 4.18
C LYS A 91 9.10 24.41 3.58
N VAL A 92 8.24 23.80 4.41
CA VAL A 92 6.95 23.29 3.94
C VAL A 92 5.87 24.30 4.30
N HIS A 93 5.35 24.98 3.28
CA HIS A 93 4.49 26.14 3.52
C HIS A 93 3.23 26.23 2.66
N ASP A 94 2.75 25.13 2.12
CA ASP A 94 1.51 25.17 1.36
C ASP A 94 0.80 23.84 1.50
N GLN A 95 -0.48 23.81 1.17
CA GLN A 95 -1.29 22.63 1.46
C GLN A 95 -0.74 21.37 0.75
N GLU A 96 -0.43 21.47 -0.53
CA GLU A 96 -0.04 20.25 -1.25
C GLU A 96 1.27 19.71 -0.70
N SER A 97 2.23 20.61 -0.46
CA SER A 97 3.52 20.21 0.10
CA SER A 97 3.54 20.24 0.12
C SER A 97 3.35 19.61 1.50
N LEU A 98 2.45 20.21 2.30
CA LEU A 98 2.22 19.72 3.66
C LEU A 98 1.67 18.29 3.58
N PHE A 99 0.62 18.10 2.78
CA PHE A 99 -0.02 16.76 2.69
C PHE A 99 0.93 15.74 2.11
N ALA A 100 1.72 16.13 1.10
CA ALA A 100 2.75 15.22 0.55
C ALA A 100 3.74 14.83 1.62
N THR A 101 4.11 15.78 2.49
CA THR A 101 5.16 15.52 3.49
C THR A 101 4.60 14.54 4.54
N ILE A 102 3.36 14.76 4.98
CA ILE A 102 2.73 13.77 5.87
C ILE A 102 2.66 12.40 5.21
N GLY A 103 2.25 12.35 3.94
CA GLY A 103 2.22 11.12 3.15
C GLY A 103 3.59 10.44 3.13
N ILE A 104 4.66 11.23 2.91
CA ILE A 104 6.02 10.69 2.86
C ILE A 104 6.43 10.12 4.20
N CYS A 105 6.12 10.84 5.27
CA CYS A 105 6.44 10.33 6.61
C CYS A 105 5.74 8.99 6.81
N ALA A 106 4.47 8.88 6.41
CA ALA A 106 3.73 7.61 6.58
C ALA A 106 4.39 6.51 5.74
N LYS A 107 4.78 6.84 4.50
CA LYS A 107 5.44 5.83 3.66
C LYS A 107 6.72 5.35 4.32
N ILE A 108 7.47 6.28 4.92
CA ILE A 108 8.76 5.90 5.52
C ILE A 108 8.50 4.96 6.71
N THR A 109 7.62 5.35 7.64
CA THR A 109 7.44 4.49 8.82
C THR A 109 6.74 3.16 8.46
N GLU A 110 5.87 3.14 7.47
CA GLU A 110 5.31 1.88 6.95
C GLU A 110 6.43 1.02 6.35
N HIS A 111 7.32 1.65 5.58
CA HIS A 111 8.39 0.92 4.91
C HIS A 111 9.27 0.25 5.98
N TRP A 112 9.62 1.03 7.01
CA TRP A 112 10.40 0.50 8.13
C TRP A 112 9.67 -0.73 8.68
N GLY A 113 8.36 -0.65 8.87
CA GLY A 113 7.65 -1.82 9.43
C GLY A 113 7.76 -3.04 8.51
N TYR A 114 7.68 -2.83 7.19
CA TYR A 114 7.82 -3.94 6.24
C TYR A 114 9.19 -4.60 6.40
N LYS A 115 10.20 -3.79 6.79
CA LYS A 115 11.60 -4.26 6.92
C LYS A 115 11.94 -4.69 8.36
N LYS A 116 10.92 -4.83 9.20
CA LYS A 116 11.11 -5.18 10.63
C LYS A 116 11.95 -4.13 11.40
N ILE A 117 11.73 -2.86 11.05
CA ILE A 117 12.38 -1.77 11.71
C ILE A 117 11.33 -0.96 12.44
N SER A 118 11.60 -0.58 13.69
CA SER A 118 10.62 0.21 14.46
C SER A 118 11.33 1.09 15.48
N GLU A 119 11.60 0.56 16.67
CA GLU A 119 12.10 1.39 17.76
C GLU A 119 13.48 1.99 17.51
N SER A 120 14.29 1.35 16.68
CA SER A 120 15.64 1.83 16.43
C SER A 120 15.62 3.14 15.65
N ARG A 121 14.46 3.50 15.08
CA ARG A 121 14.33 4.78 14.33
C ARG A 121 13.36 5.75 14.95
N PHE A 122 12.98 5.48 16.20
CA PHE A 122 12.24 6.52 16.92
C PHE A 122 13.06 7.83 16.96
N GLN A 123 12.33 8.94 16.98
CA GLN A 123 12.90 10.29 17.13
C GLN A 123 13.89 10.63 16.02
N SER A 124 13.62 10.13 14.81
CA SER A 124 14.57 10.33 13.73
C SER A 124 14.10 11.15 12.54
N LEU A 125 12.79 11.49 12.46
CA LEU A 125 12.26 12.04 11.19
C LEU A 125 12.51 13.54 11.05
N GLY A 126 12.82 14.20 12.16
CA GLY A 126 12.84 15.66 12.25
C GLY A 126 11.76 16.16 13.20
N ASN A 127 11.65 17.47 13.34
CA ASN A 127 10.82 18.08 14.39
C ASN A 127 9.41 18.29 13.88
N ILE A 128 8.44 17.61 14.49
CA ILE A 128 7.05 17.83 14.11
C ILE A 128 6.67 19.29 14.27
N THR A 129 7.25 19.95 15.26
CA THR A 129 6.88 21.36 15.49
C THR A 129 7.43 22.28 14.38
N ASP A 130 8.45 21.81 13.65
CA ASP A 130 8.93 22.56 12.47
C ASP A 130 7.92 22.45 11.32
N LEU A 131 7.29 21.29 11.20
CA LEU A 131 6.34 21.02 10.13
C LEU A 131 5.01 21.68 10.45
N MSE A 132 4.56 21.50 11.69
CA MSE A 132 3.19 21.89 12.05
C MSE A 132 3.23 23.28 12.66
O MSE A 132 2.90 23.49 13.83
CB MSE A 132 2.57 20.87 13.03
CG MSE A 132 2.37 19.45 12.40
SE MSE A 132 1.64 19.25 10.56
CE MSE A 132 -0.05 20.15 10.82
N THR A 133 3.57 24.27 11.83
CA THR A 133 3.40 25.69 12.19
C THR A 133 1.92 25.96 12.40
N ASP A 134 1.59 27.12 12.97
CA ASP A 134 0.16 27.45 13.13
C ASP A 134 -0.58 27.48 11.80
N ASP A 135 0.07 27.95 10.73
CA ASP A 135 -0.62 27.97 9.44
C ASP A 135 -0.87 26.57 8.91
N ASN A 136 0.12 25.70 9.09
CA ASN A 136 -0.06 24.35 8.60
C ASN A 136 -1.13 23.60 9.40
N ILE A 137 -1.12 23.80 10.72
CA ILE A 137 -2.20 23.26 11.56
C ILE A 137 -3.56 23.70 11.06
N ASN A 138 -3.67 25.00 10.74
CA ASN A 138 -4.94 25.50 10.25
C ASN A 138 -5.32 24.93 8.88
N ILE A 139 -4.34 24.82 7.97
CA ILE A 139 -4.59 24.24 6.66
C ILE A 139 -5.17 22.82 6.88
N LEU A 140 -4.49 22.04 7.69
CA LEU A 140 -4.87 20.65 7.90
C LEU A 140 -6.26 20.51 8.53
N ILE A 141 -6.50 21.25 9.61
CA ILE A 141 -7.79 21.03 10.30
C ILE A 141 -8.97 21.53 9.45
N LEU A 142 -8.78 22.62 8.69
CA LEU A 142 -9.87 23.10 7.84
C LEU A 142 -10.17 22.07 6.75
N PHE A 143 -9.11 21.49 6.19
CA PHE A 143 -9.28 20.49 5.16
C PHE A 143 -10.03 19.26 5.72
N LEU A 144 -9.56 18.78 6.88
CA LEU A 144 -10.19 17.60 7.45
C LEU A 144 -11.66 17.88 7.82
N GLU A 145 -11.95 19.05 8.41
CA GLU A 145 -13.36 19.38 8.74
C GLU A 145 -14.23 19.40 7.50
N LYS A 146 -13.71 19.98 6.42
CA LYS A 146 -14.48 20.00 5.20
C LYS A 146 -14.77 18.60 4.64
N LYS A 147 -13.81 17.69 4.75
CA LYS A 147 -14.00 16.32 4.26
C LYS A 147 -14.91 15.53 5.20
N LEU A 148 -14.85 15.81 6.49
CA LEU A 148 -15.47 14.92 7.49
C LEU A 148 -16.76 15.47 8.09
N ASN A 149 -17.08 16.73 7.76
CA ASN A 149 -18.36 17.35 8.20
C ASN A 149 -19.62 16.53 7.90
N ASP B 6 -14.26 -21.57 4.39
CA ASP B 6 -14.01 -21.89 2.95
C ASP B 6 -12.89 -20.95 2.49
N TYR B 7 -13.20 -19.70 2.14
CA TYR B 7 -12.15 -18.80 1.67
C TYR B 7 -11.13 -18.50 2.78
N GLU B 8 -11.62 -18.38 4.01
CA GLU B 8 -10.73 -18.15 5.13
C GLU B 8 -9.61 -19.18 5.16
N ASP B 9 -9.93 -20.41 4.76
CA ASP B 9 -8.97 -21.51 4.84
C ASP B 9 -8.20 -21.76 3.55
N ALA B 10 -8.24 -20.81 2.63
CA ALA B 10 -7.45 -20.88 1.41
C ALA B 10 -5.98 -21.19 1.69
N VAL B 11 -5.42 -22.06 0.86
CA VAL B 11 -4.03 -22.47 0.98
C VAL B 11 -3.28 -21.79 -0.15
N PHE B 12 -2.10 -21.23 0.15
CA PHE B 12 -1.27 -20.54 -0.82
C PHE B 12 -0.01 -21.40 -0.98
N TYR B 13 0.31 -21.68 -2.24
CA TYR B 13 1.41 -22.60 -2.50
C TYR B 13 2.72 -21.92 -2.83
N PHE B 14 2.64 -20.69 -3.31
CA PHE B 14 3.82 -19.94 -3.71
C PHE B 14 4.19 -18.85 -2.71
N VAL B 15 3.39 -18.67 -1.65
CA VAL B 15 3.53 -17.49 -0.78
C VAL B 15 4.88 -17.38 -0.10
N ASP B 16 5.55 -18.53 0.10
CA ASP B 16 6.86 -18.47 0.73
C ASP B 16 8.06 -18.68 -0.22
N ASP B 17 7.80 -18.77 -1.52
CA ASP B 17 8.84 -19.16 -2.49
C ASP B 17 9.76 -17.96 -2.72
N ASP B 18 11.02 -18.24 -3.02
CA ASP B 18 11.97 -17.18 -3.33
C ASP B 18 12.31 -17.13 -4.81
N LYS B 19 11.79 -18.11 -5.55
CA LYS B 19 12.06 -18.21 -7.01
C LYS B 19 10.99 -19.00 -7.71
N ILE B 20 10.96 -18.86 -9.05
CA ILE B 20 10.11 -19.69 -9.89
C ILE B 20 10.86 -20.04 -11.15
N CYS B 21 10.80 -21.30 -11.54
CA CYS B 21 11.49 -21.65 -12.81
C CYS B 21 10.81 -22.72 -13.61
N SER B 22 9.49 -22.63 -13.64
CA SER B 22 8.65 -23.39 -14.53
C SER B 22 7.64 -22.47 -15.18
N ARG B 23 7.73 -22.36 -16.50
CA ARG B 23 6.76 -21.59 -17.30
C ARG B 23 5.37 -22.08 -16.94
N ASP B 24 5.22 -23.39 -16.78
CA ASP B 24 3.91 -24.00 -16.63
CA ASP B 24 3.87 -23.93 -16.66
C ASP B 24 3.20 -23.68 -15.31
N SER B 25 3.91 -23.02 -14.40
CA SER B 25 3.40 -22.59 -13.07
C SER B 25 3.01 -21.11 -13.03
N ILE B 26 3.33 -20.38 -14.09
CA ILE B 26 3.18 -18.90 -14.06
C ILE B 26 1.71 -18.47 -13.93
N ILE B 27 0.79 -19.12 -14.65
CA ILE B 27 -0.65 -18.76 -14.49
C ILE B 27 -1.16 -19.03 -13.06
N ASP B 28 -0.85 -20.22 -12.53
CA ASP B 28 -1.17 -20.55 -11.15
C ASP B 28 -0.63 -19.50 -10.18
N LEU B 29 0.63 -19.11 -10.37
CA LEU B 29 1.25 -18.11 -9.52
C LEU B 29 0.49 -16.78 -9.53
N ILE B 30 0.22 -16.27 -10.74
CA ILE B 30 -0.45 -15.00 -10.85
C ILE B 30 -1.87 -15.07 -10.27
N ASP B 31 -2.60 -16.13 -10.57
CA ASP B 31 -3.95 -16.31 -10.01
C ASP B 31 -3.92 -16.29 -8.48
N GLU B 32 -3.01 -17.07 -7.89
CA GLU B 32 -2.94 -17.15 -6.44
C GLU B 32 -2.48 -15.84 -5.82
N TYR B 33 -1.51 -15.18 -6.45
CA TYR B 33 -0.98 -13.92 -5.92
C TYR B 33 -2.08 -12.85 -5.89
N ILE B 34 -2.84 -12.75 -6.97
CA ILE B 34 -3.91 -11.73 -7.03
C ILE B 34 -4.97 -12.02 -5.96
N THR B 35 -5.24 -13.30 -5.72
CA THR B 35 -6.12 -13.68 -4.59
C THR B 35 -5.50 -13.30 -3.26
N TRP B 36 -4.19 -13.56 -3.09
CA TRP B 36 -3.55 -13.31 -1.81
C TRP B 36 -3.65 -11.82 -1.46
N ARG B 37 -3.48 -10.93 -2.45
CA ARG B 37 -3.52 -9.48 -2.13
C ARG B 37 -4.88 -9.09 -1.53
N ASN B 38 -5.92 -9.84 -1.89
CA ASN B 38 -7.26 -9.67 -1.26
C ASN B 38 -7.30 -10.34 0.13
N HIS B 39 -6.97 -11.63 0.14
CA HIS B 39 -7.11 -12.51 1.31
C HIS B 39 -6.32 -11.98 2.50
N VAL B 40 -5.10 -11.48 2.24
CA VAL B 40 -4.22 -11.03 3.31
C VAL B 40 -4.85 -9.84 4.08
N ILE B 41 -5.63 -9.04 3.37
CA ILE B 41 -6.32 -7.92 4.01
C ILE B 41 -7.65 -8.40 4.62
N VAL B 42 -8.41 -9.21 3.91
CA VAL B 42 -9.72 -9.67 4.43
C VAL B 42 -9.59 -10.38 5.76
N PHE B 43 -8.53 -11.19 5.91
CA PHE B 43 -8.35 -11.96 7.14
C PHE B 43 -7.23 -11.49 8.05
N ASN B 44 -6.70 -10.29 7.77
CA ASN B 44 -5.61 -9.75 8.55
C ASN B 44 -4.46 -10.72 8.75
N LYS B 45 -3.99 -11.26 7.63
CA LYS B 45 -2.86 -12.16 7.67
C LYS B 45 -1.64 -11.23 7.48
N ASP B 46 -0.45 -11.71 7.71
CA ASP B 46 0.63 -10.70 7.76
C ASP B 46 1.15 -10.42 6.34
N ILE B 47 1.03 -9.19 5.83
CA ILE B 47 1.48 -8.86 4.46
C ILE B 47 3.01 -8.96 4.30
N THR B 48 3.72 -8.98 5.43
CA THR B 48 5.17 -9.17 5.42
C THR B 48 5.58 -10.65 5.45
N SER B 49 4.63 -11.55 5.65
CA SER B 49 4.95 -12.98 5.71
CA SER B 49 4.91 -12.98 5.73
C SER B 49 4.85 -13.64 4.34
N CYS B 50 5.85 -13.35 3.51
CA CYS B 50 5.90 -13.92 2.17
C CYS B 50 7.37 -13.91 1.70
N GLY B 51 7.63 -14.67 0.64
CA GLY B 51 8.98 -14.78 0.10
C GLY B 51 9.32 -13.80 -1.02
N ARG B 52 10.51 -13.98 -1.59
CA ARG B 52 11.03 -12.97 -2.50
C ARG B 52 10.20 -12.95 -3.79
N LEU B 53 9.57 -14.08 -4.14
CA LEU B 53 8.81 -14.17 -5.37
C LEU B 53 7.61 -13.23 -5.25
N TYR B 54 6.84 -13.33 -4.17
CA TYR B 54 5.69 -12.43 -3.98
C TYR B 54 6.17 -10.99 -3.86
N LYS B 55 7.29 -10.77 -3.16
CA LYS B 55 7.83 -9.41 -3.05
CA LYS B 55 7.90 -9.45 -3.05
C LYS B 55 8.17 -8.80 -4.41
N GLU B 56 8.66 -9.61 -5.34
CA GLU B 56 8.93 -9.12 -6.67
C GLU B 56 7.66 -8.73 -7.40
N LEU B 57 6.62 -9.54 -7.26
CA LEU B 57 5.33 -9.23 -7.90
C LEU B 57 4.75 -7.95 -7.29
N MSE B 58 4.95 -7.77 -5.98
CA MSE B 58 4.40 -6.58 -5.31
C MSE B 58 5.01 -5.28 -5.81
O MSE B 58 4.37 -4.22 -5.77
CB MSE B 58 4.52 -6.70 -3.79
CG MSE B 58 3.66 -7.80 -3.24
SE MSE B 58 4.17 -8.29 -1.40
CE MSE B 58 3.35 -6.77 -0.59
N LYS B 59 6.24 -5.38 -6.33
CA LYS B 59 6.87 -4.21 -6.95
C LYS B 59 6.11 -3.71 -8.18
N PHE B 60 5.29 -4.57 -8.79
CA PHE B 60 4.48 -4.17 -9.97
C PHE B 60 3.41 -3.14 -9.56
N ASP B 61 3.18 -2.95 -8.26
CA ASP B 61 2.31 -1.84 -7.83
C ASP B 61 2.96 -0.53 -8.31
N ASP B 62 4.28 -0.44 -8.14
CA ASP B 62 5.02 0.78 -8.51
C ASP B 62 5.05 0.93 -10.03
N VAL B 63 5.17 -0.19 -10.74
CA VAL B 63 5.13 -0.14 -12.21
C VAL B 63 3.81 0.44 -12.69
N ALA B 64 2.71 0.00 -12.10
CA ALA B 64 1.40 0.48 -12.48
C ALA B 64 1.36 1.99 -12.21
N ILE B 65 1.83 2.42 -11.04
CA ILE B 65 1.80 3.85 -10.72
CA ILE B 65 1.83 3.87 -10.71
C ILE B 65 2.60 4.64 -11.77
N ARG B 66 3.79 4.15 -12.13
CA ARG B 66 4.62 4.89 -13.09
C ARG B 66 3.89 4.99 -14.42
N TYR B 67 3.21 3.91 -14.80
CA TYR B 67 2.64 3.77 -16.13
C TYR B 67 1.34 4.59 -16.27
N TYR B 68 0.43 4.44 -15.30
CA TYR B 68 -0.89 5.05 -15.41
C TYR B 68 -0.93 6.41 -14.71
N GLY B 69 -0.15 6.52 -13.63
CA GLY B 69 -0.25 7.62 -12.67
C GLY B 69 -1.33 7.32 -11.65
N ILE B 70 -1.21 7.91 -10.48
CA ILE B 70 -2.08 7.49 -9.38
C ILE B 70 -3.53 7.89 -9.66
N ASP B 71 -3.76 9.04 -10.26
CA ASP B 71 -5.17 9.41 -10.51
C ASP B 71 -5.91 8.43 -11.44
N LYS B 72 -5.22 7.94 -12.48
CA LYS B 72 -5.84 7.00 -13.41
C LYS B 72 -5.97 5.65 -12.70
N ILE B 73 -4.99 5.27 -11.86
CA ILE B 73 -5.17 4.06 -11.05
C ILE B 73 -6.46 4.19 -10.22
N ASN B 74 -6.60 5.31 -9.51
CA ASN B 74 -7.84 5.46 -8.73
C ASN B 74 -9.12 5.41 -9.54
N GLU B 75 -9.08 6.00 -10.73
CA GLU B 75 -10.25 6.01 -11.63
C GLU B 75 -10.59 4.58 -12.08
N ILE B 76 -9.55 3.81 -12.38
CA ILE B 76 -9.75 2.43 -12.81
C ILE B 76 -10.34 1.58 -11.65
N VAL B 77 -9.76 1.71 -10.47
CA VAL B 77 -10.26 0.99 -9.31
C VAL B 77 -11.73 1.35 -9.10
N GLU B 78 -12.05 2.65 -9.12
CA GLU B 78 -13.44 3.08 -8.95
C GLU B 78 -14.38 2.47 -10.00
N ALA B 79 -13.95 2.47 -11.25
CA ALA B 79 -14.71 1.89 -12.32
C ALA B 79 -14.89 0.39 -12.18
N MSE B 80 -13.95 -0.28 -11.52
CA MSE B 80 -14.04 -1.72 -11.33
C MSE B 80 -14.80 -2.12 -10.07
O MSE B 80 -15.20 -3.27 -9.92
CB MSE B 80 -12.62 -2.36 -11.35
CG MSE B 80 -12.04 -2.23 -12.73
SE MSE B 80 -12.76 -3.54 -13.94
CE MSE B 80 -12.10 -5.18 -13.07
N SER B 81 -14.97 -1.17 -9.15
CA SER B 81 -15.32 -1.45 -7.77
C SER B 81 -16.61 -2.27 -7.65
N GLU B 82 -17.63 -1.89 -8.41
CA GLU B 82 -18.93 -2.57 -8.34
C GLU B 82 -19.05 -3.91 -9.07
N GLY B 83 -17.97 -4.32 -9.74
CA GLY B 83 -17.90 -5.65 -10.33
C GLY B 83 -18.59 -5.73 -11.69
N ASP B 84 -18.80 -4.57 -12.31
CA ASP B 84 -19.60 -4.43 -13.55
C ASP B 84 -18.79 -4.45 -14.84
N HIS B 85 -17.46 -4.41 -14.71
CA HIS B 85 -16.61 -4.26 -15.90
C HIS B 85 -15.56 -5.35 -15.88
N TYR B 86 -15.18 -5.85 -17.05
CA TYR B 86 -13.96 -6.66 -17.16
C TYR B 86 -12.84 -5.78 -17.73
N ILE B 87 -11.59 -6.10 -17.41
CA ILE B 87 -10.49 -5.37 -18.06
C ILE B 87 -10.20 -6.00 -19.42
N ASN B 88 -10.00 -5.20 -20.48
CA ASN B 88 -9.60 -5.76 -21.79
C ASN B 88 -8.11 -6.08 -21.81
N PHE B 89 -7.76 -7.32 -21.49
CA PHE B 89 -6.37 -7.69 -21.27
C PHE B 89 -5.65 -7.86 -22.60
N THR B 90 -6.41 -7.96 -23.68
CA THR B 90 -5.78 -8.13 -25.01
C THR B 90 -5.01 -6.88 -25.42
N LYS B 91 -5.25 -5.77 -24.72
CA LYS B 91 -4.50 -4.55 -24.97
C LYS B 91 -3.02 -4.59 -24.58
N VAL B 92 -2.63 -5.52 -23.72
CA VAL B 92 -1.25 -5.59 -23.24
C VAL B 92 -0.33 -5.92 -24.39
N HIS B 93 0.73 -5.15 -24.58
CA HIS B 93 1.50 -5.32 -25.80
C HIS B 93 3.01 -5.44 -25.58
N ASP B 94 3.44 -5.36 -24.33
CA ASP B 94 4.87 -5.27 -24.01
C ASP B 94 5.10 -5.52 -22.52
N GLN B 95 6.36 -5.53 -22.09
CA GLN B 95 6.69 -5.86 -20.71
C GLN B 95 6.10 -4.86 -19.71
N GLU B 96 6.29 -3.57 -19.97
CA GLU B 96 5.83 -2.56 -19.02
C GLU B 96 4.33 -2.63 -18.86
N SER B 97 3.61 -2.70 -19.98
CA SER B 97 2.15 -2.71 -19.87
C SER B 97 1.68 -4.02 -19.22
N LEU B 98 2.38 -5.13 -19.46
CA LEU B 98 2.04 -6.38 -18.77
C LEU B 98 2.14 -6.21 -17.25
N PHE B 99 3.31 -5.75 -16.83
CA PHE B 99 3.57 -5.58 -15.39
C PHE B 99 2.62 -4.56 -14.78
N ALA B 100 2.33 -3.49 -15.50
CA ALA B 100 1.44 -2.47 -14.94
C ALA B 100 0.05 -3.10 -14.76
N THR B 101 -0.37 -3.92 -15.72
CA THR B 101 -1.69 -4.54 -15.69
C THR B 101 -1.80 -5.55 -14.53
N ILE B 102 -0.76 -6.33 -14.29
CA ILE B 102 -0.75 -7.18 -13.10
C ILE B 102 -0.87 -6.32 -11.83
N GLY B 103 -0.11 -5.22 -11.78
CA GLY B 103 -0.19 -4.32 -10.62
C GLY B 103 -1.60 -3.76 -10.45
N ILE B 104 -2.27 -3.40 -11.55
CA ILE B 104 -3.67 -2.88 -11.48
C ILE B 104 -4.59 -3.97 -10.90
N CYS B 105 -4.41 -5.21 -11.37
CA CYS B 105 -5.23 -6.29 -10.80
C CYS B 105 -5.05 -6.38 -9.29
N ALA B 106 -3.80 -6.32 -8.85
CA ALA B 106 -3.51 -6.38 -7.43
C ALA B 106 -4.16 -5.20 -6.70
N LYS B 107 -4.06 -3.98 -7.26
CA LYS B 107 -4.70 -2.83 -6.63
C LYS B 107 -6.20 -3.05 -6.45
N ILE B 108 -6.82 -3.64 -7.48
CA ILE B 108 -8.28 -3.82 -7.44
C ILE B 108 -8.66 -4.85 -6.37
N THR B 109 -7.98 -5.99 -6.34
CA THR B 109 -8.36 -6.97 -5.30
C THR B 109 -7.95 -6.55 -3.88
N GLU B 110 -6.87 -5.77 -3.75
CA GLU B 110 -6.53 -5.18 -2.47
C GLU B 110 -7.66 -4.22 -2.06
N HIS B 111 -8.13 -3.39 -3.01
CA HIS B 111 -9.21 -2.44 -2.73
C HIS B 111 -10.43 -3.16 -2.16
N TRP B 112 -10.83 -4.25 -2.81
CA TRP B 112 -11.94 -5.04 -2.23
C TRP B 112 -11.58 -5.53 -0.85
N GLY B 113 -10.35 -6.00 -0.68
CA GLY B 113 -9.89 -6.48 0.64
C GLY B 113 -10.06 -5.45 1.75
N TYR B 114 -9.69 -4.19 1.46
CA TYR B 114 -9.77 -3.11 2.44
C TYR B 114 -11.23 -2.84 2.88
N LYS B 115 -12.17 -3.21 2.00
CA LYS B 115 -13.62 -3.16 2.22
C LYS B 115 -14.16 -4.45 2.82
N LYS B 116 -13.30 -5.43 3.05
CA LYS B 116 -13.74 -6.76 3.51
C LYS B 116 -14.69 -7.46 2.52
N ILE B 117 -14.48 -7.16 1.24
CA ILE B 117 -15.21 -7.78 0.18
C ILE B 117 -14.31 -8.85 -0.42
N SER B 118 -14.91 -10.00 -0.72
CA SER B 118 -14.18 -11.10 -1.36
C SER B 118 -15.09 -11.83 -2.32
N GLU B 119 -15.88 -12.78 -1.81
CA GLU B 119 -16.71 -13.61 -2.65
C GLU B 119 -17.60 -12.88 -3.64
N SER B 120 -18.19 -11.74 -3.24
CA SER B 120 -19.06 -10.98 -4.13
C SER B 120 -18.38 -10.50 -5.39
N ARG B 121 -17.05 -10.50 -5.37
CA ARG B 121 -16.29 -10.00 -6.50
C ARG B 121 -15.38 -11.06 -7.14
N PHE B 122 -15.55 -12.32 -6.78
CA PHE B 122 -14.80 -13.36 -7.49
C PHE B 122 -15.23 -13.30 -8.97
N GLN B 123 -14.30 -13.70 -9.83
CA GLN B 123 -14.54 -13.90 -11.24
C GLN B 123 -14.91 -12.59 -11.95
N SER B 124 -14.40 -11.48 -11.44
CA SER B 124 -14.81 -10.20 -11.95
C SER B 124 -13.79 -9.52 -12.85
N LEU B 125 -12.50 -9.90 -12.74
CA LEU B 125 -11.44 -9.11 -13.41
C LEU B 125 -11.42 -9.20 -14.93
N GLY B 126 -11.82 -10.36 -15.45
CA GLY B 126 -11.54 -10.71 -16.83
C GLY B 126 -10.82 -12.03 -16.93
N ASN B 127 -10.47 -12.43 -18.15
CA ASN B 127 -9.86 -13.74 -18.42
C ASN B 127 -8.36 -13.74 -18.24
N ILE B 128 -7.85 -14.54 -17.32
CA ILE B 128 -6.40 -14.64 -17.10
C ILE B 128 -5.67 -15.22 -18.32
N THR B 129 -6.40 -15.96 -19.14
CA THR B 129 -5.85 -16.57 -20.35
C THR B 129 -5.57 -15.49 -21.38
N ASP B 130 -6.34 -14.41 -21.35
CA ASP B 130 -6.08 -13.30 -22.27
C ASP B 130 -4.92 -12.41 -21.82
N LEU B 131 -4.65 -12.43 -20.52
CA LEU B 131 -3.55 -11.64 -19.95
C LEU B 131 -2.28 -12.46 -20.10
N MSE B 132 -2.35 -13.70 -19.63
CA MSE B 132 -1.16 -14.55 -19.60
C MSE B 132 -1.13 -15.43 -20.84
O MSE B 132 -1.28 -16.64 -20.76
CB MSE B 132 -1.12 -15.38 -18.31
CG MSE B 132 -1.03 -14.53 -17.01
SE MSE B 132 0.24 -13.00 -16.94
CE MSE B 132 1.82 -13.99 -17.24
N THR B 133 -0.90 -14.77 -21.98
CA THR B 133 -0.68 -15.44 -23.27
C THR B 133 0.69 -16.08 -23.18
N ASP B 134 1.00 -17.00 -24.09
CA ASP B 134 2.33 -17.57 -24.09
C ASP B 134 3.44 -16.53 -24.12
N ASP B 135 3.27 -15.50 -24.94
CA ASP B 135 4.29 -14.47 -25.02
C ASP B 135 4.47 -13.77 -23.67
N ASN B 136 3.35 -13.49 -23.01
CA ASN B 136 3.40 -12.80 -21.73
C ASN B 136 3.95 -13.65 -20.58
N ILE B 137 3.61 -14.94 -20.59
CA ILE B 137 4.17 -15.91 -19.64
C ILE B 137 5.71 -15.89 -19.80
N ASN B 138 6.20 -15.88 -21.04
CA ASN B 138 7.65 -15.87 -21.23
C ASN B 138 8.33 -14.57 -20.80
N ILE B 139 7.68 -13.44 -21.08
CA ILE B 139 8.18 -12.16 -20.58
C ILE B 139 8.31 -12.22 -19.04
N LEU B 140 7.22 -12.64 -18.37
CA LEU B 140 7.23 -12.63 -16.91
C LEU B 140 8.28 -13.59 -16.31
N ILE B 141 8.36 -14.82 -16.84
CA ILE B 141 9.26 -15.80 -16.21
C ILE B 141 10.73 -15.42 -16.44
N LEU B 142 11.05 -14.82 -17.60
CA LEU B 142 12.43 -14.41 -17.87
C LEU B 142 12.79 -13.21 -16.97
N PHE B 143 11.84 -12.28 -16.79
CA PHE B 143 12.09 -11.18 -15.86
C PHE B 143 12.27 -11.67 -14.41
N LEU B 144 11.36 -12.52 -13.95
CA LEU B 144 11.47 -13.03 -12.57
C LEU B 144 12.74 -13.81 -12.32
N GLU B 145 13.11 -14.63 -13.29
CA GLU B 145 14.41 -15.33 -13.20
C GLU B 145 15.60 -14.39 -13.12
N LYS B 146 15.62 -13.39 -13.98
CA LYS B 146 16.71 -12.41 -13.92
C LYS B 146 16.80 -11.73 -12.54
N LYS B 147 15.64 -11.36 -11.96
CA LYS B 147 15.65 -10.68 -10.67
C LYS B 147 15.95 -11.61 -9.49
N LEU B 148 15.56 -12.87 -9.58
CA LEU B 148 15.63 -13.75 -8.42
C LEU B 148 16.76 -14.78 -8.51
N ASN B 149 17.48 -14.78 -9.64
CA ASN B 149 18.61 -15.73 -9.79
C ASN B 149 19.67 -15.58 -8.70
N LYS C 11 4.61 8.22 25.70
CA LYS C 11 4.44 7.75 24.29
C LYS C 11 5.77 7.78 23.53
N SER C 12 5.96 6.86 22.58
CA SER C 12 7.09 6.92 21.68
C SER C 12 6.71 7.72 20.43
N SER C 13 7.68 8.08 19.60
CA SER C 13 7.38 8.88 18.42
C SER C 13 8.52 8.68 17.44
N PHE C 14 8.19 8.80 16.13
CA PHE C 14 9.20 8.88 15.08
C PHE C 14 9.73 10.28 14.90
N PHE C 15 9.11 11.26 15.53
CA PHE C 15 9.60 12.64 15.39
C PHE C 15 10.61 12.97 16.46
N SER C 16 11.58 13.81 16.12
CA SER C 16 12.74 14.05 16.97
C SER C 16 12.41 14.86 18.21
N ASP C 17 11.32 15.62 18.14
CA ASP C 17 10.97 16.53 19.22
C ASP C 17 9.78 16.04 20.04
N ARG C 18 9.56 14.72 19.99
CA ARG C 18 8.43 14.09 20.64
C ARG C 18 8.89 12.78 21.30
N GLY C 19 8.04 12.23 22.15
CA GLY C 19 8.42 11.05 22.93
C GLY C 19 9.25 11.51 24.11
N SER D 12 -11.48 -20.64 -5.55
CA SER D 12 -11.92 -19.23 -5.81
C SER D 12 -10.84 -18.50 -6.61
N SER D 13 -11.25 -17.50 -7.37
CA SER D 13 -10.33 -16.69 -8.15
C SER D 13 -11.02 -15.36 -8.44
N PHE D 14 -10.23 -14.31 -8.60
CA PHE D 14 -10.77 -13.05 -9.10
C PHE D 14 -10.85 -12.99 -10.62
N PHE D 15 -10.24 -13.96 -11.29
CA PHE D 15 -10.31 -13.99 -12.78
C PHE D 15 -11.52 -14.81 -13.25
N SER D 16 -12.01 -14.48 -14.44
CA SER D 16 -13.34 -14.89 -14.91
C SER D 16 -13.33 -16.31 -15.41
N ASP D 17 -12.14 -16.78 -15.76
CA ASP D 17 -11.96 -18.09 -16.39
C ASP D 17 -11.22 -19.08 -15.49
N ARG D 18 -11.23 -18.79 -14.19
CA ARG D 18 -10.58 -19.61 -13.17
C ARG D 18 -11.50 -19.80 -11.95
N SER E 12 -1.07 -20.61 6.70
CA SER E 12 -1.67 -20.43 5.34
C SER E 12 -0.86 -21.12 4.23
N SER E 13 0.40 -21.40 4.52
CA SER E 13 1.31 -21.99 3.53
C SER E 13 1.28 -23.52 3.64
N PHE E 14 1.12 -24.15 2.49
CA PHE E 14 1.25 -25.60 2.43
C PHE E 14 2.63 -26.14 2.83
N PHE E 15 3.69 -25.38 2.52
CA PHE E 15 5.07 -25.89 2.65
C PHE E 15 5.76 -25.28 3.87
N SER E 16 6.78 -25.97 4.36
CA SER E 16 7.72 -25.47 5.37
C SER E 16 9.15 -25.41 4.81
#